data_8RSJ
#
_entry.id   8RSJ
#
_cell.length_a   75.986
_cell.length_b   58.101
_cell.length_c   76.269
_cell.angle_alpha   90.000
_cell.angle_beta   117.664
_cell.angle_gamma   90.000
#
_symmetry.space_group_name_H-M   'P 1 21 1'
#
loop_
_entity.id
_entity.type
_entity.pdbx_description
1 polymer 'O-acetyl-ADP-ribose deacetylase'
2 non-polymer 'ZINC ION'
3 non-polymer '[[(2~{R},3~{S},4~{R},5~{R})-5-(6-aminopurin-9-yl)-3,4-bis(oxidanyl)oxolan-2-yl]methoxy-oxidanyl-phosphoryl] [(2~{R},3~{S},4~{S})-2,3,4,5-tetrakis(oxidanyl)pentyl] hydrogen phosphate'
4 non-polymer GLYCEROL
5 water water
#
_entity_poly.entity_id   1
_entity_poly.type   'polypeptide(L)'
_entity_poly.pdbx_seq_one_letter_code
;GPMNNDEQLEFLINYLLDERSESIDIPKTFSEKRNLLRSLMNMRHPSNISEEFLRIQDEFLSRETANKNLTSVEDISLSS
GKIMLWQGDITTLSADAIVNAANSKLLGCFIPMHNCIDNIIHSASGLQLREECNRMIMLQGGDEDVGKAKITNAYNLPSK
YVVHTVGPSIERGMRVSSDDVKKLERCYNSCLELASEYKLNSIAFCCISTGVFNFPQKKAAEIAIRTVKDFLNSNETSLN
HIIFDVFTDKDYDIYKKLLFGN
;
_entity_poly.pdbx_strand_id   A,B
#
loop_
_chem_comp.id
_chem_comp.type
_chem_comp.name
_chem_comp.formula
GOL non-polymer GLYCEROL 'C3 H8 O3'
JNT non-polymer '[[(2~{R},3~{S},4~{R},5~{R})-5-(6-aminopurin-9-yl)-3,4-bis(oxidanyl)oxolan-2-yl]methoxy-oxidanyl-phosphoryl] [(2~{R},3~{S},4~{S})-2,3,4,5-tetrakis(oxidanyl)pentyl] hydrogen phosphate' 'C15 H25 N5 O14 P2'
ZN non-polymer 'ZINC ION' 'Zn 2'
#
# COMPACT_ATOMS: atom_id res chain seq x y z
N GLY A 1 -37.02 -3.14 10.18
CA GLY A 1 -37.25 -1.93 9.36
C GLY A 1 -36.40 -1.90 8.09
N PRO A 2 -36.59 -2.83 7.12
CA PRO A 2 -36.19 -2.59 5.72
C PRO A 2 -36.61 -1.20 5.25
N MET A 3 -35.78 -0.59 4.39
CA MET A 3 -35.98 0.78 3.95
CA MET A 3 -35.90 0.79 3.94
C MET A 3 -36.06 0.82 2.43
N ASN A 4 -36.98 1.65 1.91
CA ASN A 4 -37.09 1.92 0.48
C ASN A 4 -36.00 2.93 0.12
N ASN A 5 -35.90 3.27 -1.18
CA ASN A 5 -34.82 4.12 -1.67
C ASN A 5 -34.86 5.49 -0.98
N ASP A 6 -36.07 6.04 -0.83
CA ASP A 6 -36.25 7.38 -0.32
C ASP A 6 -35.89 7.43 1.16
N GLU A 7 -36.31 6.42 1.92
CA GLU A 7 -35.95 6.30 3.32
C GLU A 7 -34.46 6.13 3.53
N GLN A 8 -33.78 5.44 2.60
CA GLN A 8 -32.34 5.27 2.69
C GLN A 8 -31.67 6.62 2.47
N LEU A 9 -32.11 7.37 1.45
CA LEU A 9 -31.59 8.72 1.18
C LEU A 9 -31.79 9.63 2.40
N GLU A 10 -33.00 9.63 2.98
CA GLU A 10 -33.29 10.44 4.15
CA GLU A 10 -33.34 10.40 4.17
C GLU A 10 -32.42 10.01 5.34
N PHE A 11 -32.24 8.70 5.56
CA PHE A 11 -31.41 8.24 6.66
C PHE A 11 -29.97 8.75 6.52
N LEU A 12 -29.42 8.64 5.31
CA LEU A 12 -28.04 9.05 5.03
C LEU A 12 -27.83 10.55 5.22
N ILE A 13 -28.72 11.35 4.62
CA ILE A 13 -28.69 12.81 4.76
C ILE A 13 -28.75 13.17 6.24
N ASN A 14 -29.73 12.59 6.97
CA ASN A 14 -29.97 12.97 8.36
C ASN A 14 -28.79 12.58 9.25
N TYR A 15 -28.18 11.43 8.99
CA TYR A 15 -27.04 11.01 9.75
C TYR A 15 -25.91 12.04 9.59
N LEU A 16 -25.61 12.45 8.34
CA LEU A 16 -24.51 13.37 8.07
C LEU A 16 -24.85 14.79 8.54
N LEU A 17 -26.11 15.24 8.39
CA LEU A 17 -26.54 16.54 8.92
C LEU A 17 -26.36 16.60 10.43
N ASP A 18 -26.69 15.51 11.14
CA ASP A 18 -26.57 15.46 12.58
C ASP A 18 -25.11 15.64 13.03
N GLU A 19 -24.15 15.23 12.18
CA GLU A 19 -22.73 15.43 12.47
C GLU A 19 -22.32 16.88 12.28
N ARG A 20 -23.02 17.63 11.41
CA ARG A 20 -22.58 18.99 11.07
C ARG A 20 -23.10 20.01 12.09
N SER A 21 -22.39 21.14 12.20
CA SER A 21 -22.74 22.25 13.07
CA SER A 21 -22.83 22.19 13.11
CA SER A 21 -22.73 22.26 13.06
C SER A 21 -23.84 23.10 12.42
N GLU A 22 -23.75 23.22 11.08
CA GLU A 22 -24.69 24.02 10.33
C GLU A 22 -26.05 23.35 10.23
N SER A 23 -27.07 24.21 10.20
CA SER A 23 -28.48 23.88 10.02
CA SER A 23 -28.44 23.78 9.99
C SER A 23 -28.90 24.18 8.59
N ILE A 24 -29.47 23.19 7.89
CA ILE A 24 -29.88 23.31 6.50
CA ILE A 24 -29.87 23.27 6.49
C ILE A 24 -31.30 22.75 6.45
N ASP A 25 -32.26 23.58 6.05
CA ASP A 25 -33.62 23.09 5.85
C ASP A 25 -33.54 21.98 4.79
N ILE A 26 -34.08 20.78 5.14
CA ILE A 26 -33.90 19.58 4.35
CA ILE A 26 -33.89 19.59 4.34
C ILE A 26 -34.64 19.78 3.03
N PRO A 27 -34.06 19.43 1.88
CA PRO A 27 -34.71 19.78 0.62
C PRO A 27 -35.86 18.84 0.34
N LYS A 28 -36.61 19.19 -0.71
CA LYS A 28 -37.85 18.53 -1.03
CA LYS A 28 -37.86 18.54 -1.04
C LYS A 28 -37.65 17.61 -2.24
N THR A 29 -37.12 18.16 -3.33
CA THR A 29 -37.08 17.49 -4.63
C THR A 29 -35.96 16.45 -4.65
N PHE A 30 -36.02 15.56 -5.63
CA PHE A 30 -35.01 14.51 -5.73
C PHE A 30 -33.63 15.08 -6.04
N SER A 31 -33.54 16.10 -6.92
CA SER A 31 -32.25 16.70 -7.22
C SER A 31 -31.66 17.34 -5.98
N GLU A 32 -32.49 18.00 -5.18
CA GLU A 32 -31.98 18.72 -4.03
C GLU A 32 -31.49 17.72 -2.98
N LYS A 33 -32.25 16.63 -2.74
CA LYS A 33 -31.87 15.66 -1.70
C LYS A 33 -30.59 14.91 -2.05
N ARG A 34 -30.55 14.43 -3.30
CA ARG A 34 -29.41 13.65 -3.75
C ARG A 34 -28.14 14.51 -3.77
N ASN A 35 -28.28 15.76 -4.22
CA ASN A 35 -27.14 16.68 -4.27
C ASN A 35 -26.67 17.02 -2.86
N LEU A 36 -27.60 17.09 -1.91
CA LEU A 36 -27.22 17.31 -0.52
C LEU A 36 -26.40 16.15 0.02
N LEU A 37 -26.86 14.91 -0.20
CA LEU A 37 -26.10 13.74 0.20
C LEU A 37 -24.69 13.82 -0.40
N ARG A 38 -24.58 14.02 -1.71
CA ARG A 38 -23.26 14.13 -2.29
C ARG A 38 -22.39 15.24 -1.64
N SER A 39 -22.97 16.43 -1.41
CA SER A 39 -22.27 17.55 -0.76
C SER A 39 -21.75 17.19 0.63
N LEU A 40 -22.62 16.54 1.41
CA LEU A 40 -22.22 16.18 2.78
C LEU A 40 -21.11 15.14 2.75
N MET A 41 -21.18 14.18 1.82
CA MET A 41 -20.14 13.18 1.66
C MET A 41 -18.84 13.87 1.22
N ASN A 42 -18.95 14.75 0.24
CA ASN A 42 -17.78 15.51 -0.23
C ASN A 42 -17.04 16.21 0.92
N MET A 43 -17.77 16.88 1.82
CA MET A 43 -17.19 17.71 2.86
C MET A 43 -16.70 16.88 4.05
N ARG A 44 -17.08 15.60 4.16
CA ARG A 44 -16.86 14.90 5.42
C ARG A 44 -15.39 14.48 5.57
N HIS A 45 -14.65 15.07 6.51
CA HIS A 45 -13.32 14.54 6.83
C HIS A 45 -13.42 13.10 7.32
N PRO A 46 -12.35 12.28 7.12
CA PRO A 46 -12.38 10.89 7.61
C PRO A 46 -12.46 10.79 9.14
N SER A 47 -13.41 9.97 9.55
CA SER A 47 -13.67 9.73 10.96
C SER A 47 -14.56 8.51 11.02
N ASN A 48 -14.53 7.84 12.16
CA ASN A 48 -15.36 6.67 12.41
C ASN A 48 -16.82 6.98 12.09
N ILE A 49 -17.52 6.02 11.49
CA ILE A 49 -18.94 6.11 11.21
C ILE A 49 -19.56 4.74 11.50
N SER A 50 -20.89 4.72 11.64
CA SER A 50 -21.58 3.51 12.08
C SER A 50 -21.55 2.48 10.95
N GLU A 51 -21.35 1.22 11.35
CA GLU A 51 -21.58 0.07 10.50
C GLU A 51 -22.95 0.17 9.80
N GLU A 52 -24.00 0.60 10.52
CA GLU A 52 -25.34 0.81 9.96
C GLU A 52 -25.30 1.84 8.82
N PHE A 53 -24.63 2.99 9.03
CA PHE A 53 -24.53 3.98 7.97
C PHE A 53 -23.94 3.38 6.69
N LEU A 54 -22.78 2.74 6.86
CA LEU A 54 -22.03 2.16 5.76
C LEU A 54 -22.84 1.08 5.04
N ARG A 55 -23.61 0.26 5.80
CA ARG A 55 -24.47 -0.76 5.21
CA ARG A 55 -24.46 -0.76 5.21
C ARG A 55 -25.53 -0.11 4.33
N ILE A 56 -26.21 0.90 4.86
CA ILE A 56 -27.29 1.60 4.14
C ILE A 56 -26.73 2.37 2.95
N GLN A 57 -25.59 3.03 3.16
CA GLN A 57 -24.89 3.78 2.12
C GLN A 57 -24.56 2.85 0.95
N ASP A 58 -24.11 1.63 1.26
CA ASP A 58 -23.70 0.66 0.27
C ASP A 58 -24.90 0.20 -0.54
N GLU A 59 -26.00 -0.14 0.16
CA GLU A 59 -27.22 -0.53 -0.50
C GLU A 59 -27.66 0.58 -1.46
N PHE A 60 -27.67 1.84 -1.00
CA PHE A 60 -28.15 2.96 -1.79
C PHE A 60 -27.27 3.21 -3.02
N LEU A 61 -25.94 3.28 -2.81
CA LEU A 61 -25.02 3.60 -3.90
C LEU A 61 -24.86 2.42 -4.88
N SER A 62 -24.80 1.18 -4.36
CA SER A 62 -24.81 -0.01 -5.19
C SER A 62 -26.03 -0.05 -6.09
N ARG A 63 -27.21 0.27 -5.53
CA ARG A 63 -28.45 0.28 -6.28
C ARG A 63 -28.45 1.39 -7.32
N GLU A 64 -27.89 2.55 -6.99
CA GLU A 64 -27.75 3.62 -7.95
C GLU A 64 -26.84 3.13 -9.10
N THR A 65 -25.73 2.46 -8.79
CA THR A 65 -24.80 1.98 -9.80
C THR A 65 -25.50 0.97 -10.73
N ALA A 66 -26.24 0.03 -10.15
CA ALA A 66 -26.91 -0.99 -10.95
C ALA A 66 -27.96 -0.38 -11.90
N ASN A 67 -28.52 0.80 -11.56
CA ASN A 67 -29.61 1.41 -12.33
C ASN A 67 -29.10 2.42 -13.35
N LYS A 68 -27.78 2.63 -13.42
CA LYS A 68 -27.17 3.34 -14.52
C LYS A 68 -27.15 2.45 -15.78
N ASN A 69 -26.97 3.09 -16.94
CA ASN A 69 -26.61 2.39 -18.17
C ASN A 69 -25.13 2.04 -18.10
N LEU A 70 -24.80 0.78 -17.73
CA LEU A 70 -23.41 0.38 -17.55
C LEU A 70 -22.84 -0.14 -18.87
N THR A 71 -21.50 -0.06 -19.00
CA THR A 71 -20.72 -0.59 -20.12
C THR A 71 -19.74 -1.65 -19.61
N SER A 72 -19.82 -2.85 -20.20
CA SER A 72 -18.82 -3.88 -20.02
C SER A 72 -17.69 -3.67 -21.02
N VAL A 73 -16.50 -4.17 -20.69
CA VAL A 73 -15.33 -4.09 -21.56
C VAL A 73 -15.64 -4.75 -22.92
N GLU A 74 -16.29 -5.92 -22.90
CA GLU A 74 -16.65 -6.64 -24.11
C GLU A 74 -17.68 -5.91 -24.97
N ASP A 75 -18.40 -4.93 -24.42
CA ASP A 75 -19.25 -4.02 -25.18
C ASP A 75 -18.47 -3.01 -26.04
N ILE A 76 -17.15 -2.82 -25.85
CA ILE A 76 -16.46 -1.73 -26.54
C ILE A 76 -15.96 -2.20 -27.90
N SER A 77 -16.46 -1.57 -28.97
CA SER A 77 -16.22 -1.95 -30.34
C SER A 77 -14.85 -1.45 -30.83
N LEU A 78 -14.47 -0.25 -30.38
CA LEU A 78 -13.35 0.48 -30.97
C LEU A 78 -12.09 0.05 -30.24
N SER A 79 -11.38 -0.93 -30.82
CA SER A 79 -10.12 -1.43 -30.28
C SER A 79 -9.02 -1.53 -31.34
N SER A 80 -7.77 -1.39 -30.86
CA SER A 80 -6.54 -1.59 -31.61
C SER A 80 -5.63 -2.51 -30.79
N GLY A 81 -5.67 -3.82 -31.10
CA GLY A 81 -5.17 -4.85 -30.20
C GLY A 81 -5.83 -4.75 -28.82
N LYS A 82 -4.99 -4.64 -27.77
CA LYS A 82 -5.44 -4.54 -26.38
C LYS A 82 -5.95 -3.15 -26.00
N ILE A 83 -5.69 -2.12 -26.82
CA ILE A 83 -6.15 -0.77 -26.53
C ILE A 83 -7.60 -0.61 -26.99
N MET A 84 -8.40 0.04 -26.14
CA MET A 84 -9.75 0.43 -26.45
C MET A 84 -9.89 1.94 -26.30
N LEU A 85 -10.73 2.54 -27.15
CA LEU A 85 -11.14 3.92 -27.02
C LEU A 85 -12.65 3.92 -26.79
N TRP A 86 -13.06 4.63 -25.73
CA TRP A 86 -14.44 4.71 -25.28
C TRP A 86 -14.72 6.10 -24.71
N GLN A 87 -15.78 6.74 -25.20
CA GLN A 87 -16.28 7.96 -24.61
C GLN A 87 -17.40 7.59 -23.66
N GLY A 88 -17.18 7.91 -22.38
CA GLY A 88 -18.28 7.93 -21.44
C GLY A 88 -17.81 8.13 -20.03
N ASP A 89 -18.74 7.93 -19.09
CA ASP A 89 -18.53 8.23 -17.68
C ASP A 89 -17.85 7.02 -17.04
N ILE A 90 -16.69 7.26 -16.39
CA ILE A 90 -15.86 6.19 -15.86
C ILE A 90 -16.58 5.47 -14.72
N THR A 91 -17.53 6.13 -14.02
CA THR A 91 -18.27 5.49 -12.94
C THR A 91 -19.34 4.51 -13.44
N THR A 92 -19.52 4.35 -14.75
CA THR A 92 -20.46 3.41 -15.35
C THR A 92 -19.78 2.31 -16.15
N LEU A 93 -18.45 2.21 -16.06
CA LEU A 93 -17.66 1.27 -16.83
C LEU A 93 -17.21 0.15 -15.88
N SER A 94 -17.46 -1.09 -16.28
CA SER A 94 -17.18 -2.23 -15.41
CA SER A 94 -17.20 -2.25 -15.45
C SER A 94 -15.81 -2.83 -15.73
N ALA A 95 -14.78 -1.96 -15.76
CA ALA A 95 -13.39 -2.39 -15.91
C ALA A 95 -12.91 -2.87 -14.55
N ASP A 96 -11.83 -3.64 -14.52
CA ASP A 96 -11.37 -4.17 -13.26
C ASP A 96 -10.82 -3.01 -12.45
N ALA A 97 -10.02 -2.15 -13.10
CA ALA A 97 -9.50 -0.93 -12.46
C ALA A 97 -9.93 0.31 -13.23
N ILE A 98 -10.35 1.36 -12.52
CA ILE A 98 -10.41 2.71 -13.08
C ILE A 98 -9.37 3.58 -12.38
N VAL A 99 -8.90 4.58 -13.13
CA VAL A 99 -7.88 5.49 -12.69
C VAL A 99 -8.52 6.83 -12.35
N ASN A 100 -8.19 7.27 -11.15
CA ASN A 100 -8.62 8.52 -10.55
C ASN A 100 -7.43 9.47 -10.60
N ALA A 101 -7.67 10.63 -11.21
CA ALA A 101 -6.76 11.77 -11.12
C ALA A 101 -6.97 12.45 -9.77
N ALA A 102 -6.24 11.95 -8.78
CA ALA A 102 -6.39 12.33 -7.38
C ALA A 102 -5.53 13.53 -7.07
N ASN A 103 -5.77 14.15 -5.91
CA ASN A 103 -4.86 15.22 -5.46
C ASN A 103 -3.82 14.60 -4.53
N SER A 104 -2.79 15.38 -4.18
CA SER A 104 -1.67 14.87 -3.37
C SER A 104 -2.04 14.49 -1.94
N LYS A 105 -3.18 14.98 -1.42
CA LYS A 105 -3.65 14.53 -0.12
C LYS A 105 -4.37 13.18 -0.22
N LEU A 106 -4.90 12.87 -1.42
CA LEU A 106 -5.45 11.57 -1.79
C LEU A 106 -6.82 11.27 -1.14
N LEU A 107 -7.45 12.24 -0.44
CA LEU A 107 -8.68 12.02 0.30
C LEU A 107 -9.89 12.34 -0.56
N GLY A 108 -9.71 12.56 -1.87
CA GLY A 108 -10.79 13.00 -2.71
C GLY A 108 -10.96 14.52 -2.64
N CYS A 109 -12.17 14.94 -3.02
CA CYS A 109 -12.45 16.35 -3.22
C CYS A 109 -13.46 16.79 -2.17
N PHE A 110 -13.12 17.85 -1.45
CA PHE A 110 -13.98 18.40 -0.42
C PHE A 110 -14.82 19.58 -0.87
N ILE A 111 -14.73 19.94 -2.14
CA ILE A 111 -15.51 21.07 -2.65
C ILE A 111 -16.84 20.48 -3.04
N PRO A 112 -17.99 20.81 -2.41
CA PRO A 112 -19.28 20.17 -2.70
C PRO A 112 -19.72 20.37 -4.13
N MET A 113 -20.09 19.23 -4.77
CA MET A 113 -20.69 19.22 -6.10
CA MET A 113 -20.66 19.14 -6.10
C MET A 113 -19.65 19.52 -7.19
N HIS A 114 -18.35 19.44 -6.87
CA HIS A 114 -17.34 19.78 -7.86
C HIS A 114 -17.24 18.64 -8.86
N ASN A 115 -17.24 18.98 -10.17
CA ASN A 115 -17.30 17.92 -11.16
CA ASN A 115 -17.28 18.06 -11.29
C ASN A 115 -15.92 17.52 -11.69
N CYS A 116 -14.87 17.63 -10.83
CA CYS A 116 -13.62 16.93 -11.11
C CYS A 116 -13.87 15.41 -11.05
N ILE A 117 -13.05 14.62 -11.76
CA ILE A 117 -13.26 13.17 -11.77
C ILE A 117 -13.07 12.57 -10.37
N ASP A 118 -12.20 13.20 -9.53
CA ASP A 118 -11.95 12.75 -8.16
C ASP A 118 -13.24 12.76 -7.33
N ASN A 119 -13.96 13.88 -7.37
CA ASN A 119 -15.20 14.06 -6.64
C ASN A 119 -16.23 13.04 -7.15
N ILE A 120 -16.31 12.91 -8.48
CA ILE A 120 -17.28 12.03 -9.09
C ILE A 120 -17.04 10.57 -8.70
N ILE A 121 -15.78 10.17 -8.72
CA ILE A 121 -15.39 8.84 -8.27
C ILE A 121 -15.72 8.60 -6.80
N HIS A 122 -15.27 9.46 -5.90
CA HIS A 122 -15.56 9.30 -4.47
C HIS A 122 -17.04 9.32 -4.19
N SER A 123 -17.78 10.17 -4.93
CA SER A 123 -19.21 10.35 -4.68
C SER A 123 -19.99 9.07 -4.97
N ALA A 124 -19.59 8.34 -6.02
CA ALA A 124 -20.25 7.11 -6.45
C ALA A 124 -19.72 5.90 -5.65
N SER A 125 -18.45 5.92 -5.24
CA SER A 125 -17.80 4.83 -4.53
C SER A 125 -18.32 4.68 -3.11
N GLY A 126 -18.43 5.80 -2.39
CA GLY A 126 -18.71 5.80 -0.95
C GLY A 126 -17.54 6.33 -0.13
N LEU A 127 -17.83 6.64 1.14
CA LEU A 127 -16.89 7.24 2.07
C LEU A 127 -15.72 6.33 2.45
N GLN A 128 -15.84 5.03 2.18
CA GLN A 128 -14.79 4.04 2.44
C GLN A 128 -13.55 4.31 1.58
N LEU A 129 -13.77 4.85 0.36
CA LEU A 129 -12.67 5.21 -0.54
C LEU A 129 -11.76 6.26 0.11
N ARG A 130 -12.37 7.33 0.67
CA ARG A 130 -11.62 8.35 1.39
C ARG A 130 -10.91 7.76 2.61
N GLU A 131 -11.62 6.87 3.31
CA GLU A 131 -11.07 6.26 4.50
C GLU A 131 -9.83 5.41 4.16
N GLU A 132 -9.93 4.55 3.12
CA GLU A 132 -8.82 3.68 2.72
CA GLU A 132 -8.82 3.69 2.71
C GLU A 132 -7.61 4.56 2.36
N CYS A 133 -7.85 5.63 1.57
CA CYS A 133 -6.81 6.56 1.17
C CYS A 133 -6.19 7.28 2.38
N ASN A 134 -7.00 7.67 3.38
CA ASN A 134 -6.55 8.33 4.58
C ASN A 134 -5.53 7.45 5.30
N ARG A 135 -5.87 6.18 5.45
CA ARG A 135 -5.00 5.20 6.10
C ARG A 135 -3.65 5.13 5.38
N MET A 136 -3.69 5.03 4.05
CA MET A 136 -2.47 4.91 3.27
CA MET A 136 -2.48 4.92 3.25
C MET A 136 -1.58 6.14 3.49
N ILE A 137 -2.15 7.34 3.42
CA ILE A 137 -1.38 8.58 3.60
C ILE A 137 -0.86 8.71 5.02
N MET A 138 -1.70 8.40 6.02
CA MET A 138 -1.35 8.40 7.43
CA MET A 138 -1.32 8.45 7.42
CA MET A 138 -1.34 8.41 7.43
C MET A 138 -0.08 7.57 7.63
N LEU A 139 -0.11 6.32 7.11
CA LEU A 139 1.01 5.40 7.25
C LEU A 139 2.25 5.90 6.50
N GLN A 140 2.05 6.48 5.31
CA GLN A 140 3.14 7.01 4.50
C GLN A 140 3.84 8.20 5.17
N GLY A 141 3.10 8.94 6.00
CA GLY A 141 3.65 10.05 6.75
C GLY A 141 3.78 11.31 5.89
N GLY A 142 3.08 11.35 4.73
CA GLY A 142 3.31 12.46 3.83
C GLY A 142 2.38 12.42 2.62
N ASP A 143 2.23 13.60 2.01
CA ASP A 143 1.49 13.78 0.77
C ASP A 143 2.05 12.88 -0.33
N GLU A 144 1.20 12.58 -1.31
CA GLU A 144 1.55 11.64 -2.37
C GLU A 144 2.28 12.43 -3.46
N ASP A 145 3.46 11.94 -3.89
CA ASP A 145 4.19 12.53 -5.00
C ASP A 145 3.45 12.30 -6.31
N VAL A 146 3.71 13.16 -7.29
CA VAL A 146 3.22 12.99 -8.66
C VAL A 146 3.86 11.74 -9.24
N GLY A 147 3.13 11.02 -10.09
CA GLY A 147 3.70 10.00 -10.94
C GLY A 147 3.73 8.62 -10.32
N LYS A 148 2.94 8.42 -9.23
CA LYS A 148 2.82 7.17 -8.52
C LYS A 148 1.41 6.56 -8.70
N ALA A 149 1.17 5.44 -8.02
CA ALA A 149 -0.13 4.79 -8.06
C ALA A 149 -0.39 4.11 -6.73
N LYS A 150 -1.61 4.25 -6.20
CA LYS A 150 -2.10 3.45 -5.08
C LYS A 150 -3.42 2.83 -5.49
N ILE A 151 -3.63 1.55 -5.13
CA ILE A 151 -4.86 0.84 -5.49
C ILE A 151 -5.69 0.66 -4.23
N THR A 152 -7.01 0.78 -4.42
CA THR A 152 -8.03 0.55 -3.40
C THR A 152 -9.18 -0.25 -4.03
N ASN A 153 -10.03 -0.81 -3.15
CA ASN A 153 -11.33 -1.31 -3.58
CA ASN A 153 -11.34 -1.30 -3.54
C ASN A 153 -12.13 -0.17 -4.18
N ALA A 154 -12.98 -0.49 -5.17
CA ALA A 154 -13.88 0.48 -5.76
C ALA A 154 -15.24 0.61 -5.02
N TYR A 155 -15.54 -0.27 -4.05
CA TYR A 155 -16.76 -0.20 -3.23
C TYR A 155 -17.98 -0.22 -4.16
N ASN A 156 -18.76 0.89 -4.21
CA ASN A 156 -20.08 0.89 -4.83
C ASN A 156 -20.04 1.21 -6.32
N LEU A 157 -18.83 1.46 -6.86
CA LEU A 157 -18.62 1.52 -8.29
C LEU A 157 -18.78 0.16 -8.96
N PRO A 158 -19.08 0.13 -10.29
CA PRO A 158 -19.21 -1.11 -11.04
C PRO A 158 -17.87 -1.77 -11.38
N SER A 159 -16.77 -1.01 -11.23
CA SER A 159 -15.41 -1.54 -11.33
C SER A 159 -15.00 -2.23 -10.03
N LYS A 160 -13.92 -2.98 -10.04
CA LYS A 160 -13.45 -3.70 -8.86
C LYS A 160 -12.52 -2.83 -8.01
N TYR A 161 -11.65 -2.06 -8.68
CA TYR A 161 -10.59 -1.29 -8.03
C TYR A 161 -10.52 0.12 -8.60
N VAL A 162 -10.09 1.04 -7.73
CA VAL A 162 -9.68 2.38 -8.15
C VAL A 162 -8.17 2.48 -7.95
N VAL A 163 -7.46 2.95 -9.02
CA VAL A 163 -6.05 3.26 -8.94
C VAL A 163 -5.91 4.77 -8.90
N HIS A 164 -5.32 5.29 -7.82
CA HIS A 164 -5.21 6.72 -7.59
C HIS A 164 -3.82 7.21 -7.98
N THR A 165 -3.78 8.19 -8.90
CA THR A 165 -2.54 8.78 -9.38
C THR A 165 -2.67 10.31 -9.32
N VAL A 166 -1.53 10.98 -9.12
CA VAL A 166 -1.48 12.43 -9.08
C VAL A 166 -0.61 12.90 -10.25
N GLY A 167 -1.23 13.63 -11.18
CA GLY A 167 -0.53 14.08 -12.37
C GLY A 167 0.11 15.45 -12.20
N PRO A 168 0.97 15.80 -13.18
CA PRO A 168 1.55 17.15 -13.29
C PRO A 168 0.49 18.15 -13.66
N SER A 169 0.65 19.37 -13.13
CA SER A 169 -0.21 20.49 -13.44
CA SER A 169 -0.20 20.52 -13.39
C SER A 169 0.58 21.52 -14.23
N ILE A 170 -0.05 22.08 -15.25
CA ILE A 170 0.60 23.05 -16.13
C ILE A 170 -0.04 24.39 -15.80
N GLU A 171 0.79 25.40 -15.47
N GLU A 171 0.81 25.38 -15.47
CA GLU A 171 0.27 26.71 -15.11
CA GLU A 171 0.37 26.74 -15.20
C GLU A 171 -0.26 27.40 -16.36
C GLU A 171 -0.31 27.30 -16.45
N ARG A 172 -1.39 28.09 -16.19
N ARG A 172 -1.38 28.05 -16.21
CA ARG A 172 -2.03 28.88 -17.24
CA ARG A 172 -2.03 28.84 -17.24
C ARG A 172 -0.98 29.54 -18.13
C ARG A 172 -0.99 29.53 -18.12
N GLY A 173 -1.04 29.24 -19.43
CA GLY A 173 -0.27 29.95 -20.43
C GLY A 173 1.22 29.59 -20.48
N MET A 174 1.62 28.48 -19.80
CA MET A 174 2.99 28.02 -19.75
CA MET A 174 3.00 28.04 -19.78
C MET A 174 3.13 26.77 -20.63
N ARG A 175 4.33 26.57 -21.19
CA ARG A 175 4.57 25.39 -22.02
CA ARG A 175 4.63 25.41 -22.02
C ARG A 175 4.84 24.20 -21.10
N VAL A 176 4.71 23.00 -21.64
CA VAL A 176 5.07 21.75 -20.99
C VAL A 176 6.59 21.60 -21.06
N SER A 177 7.19 21.24 -19.93
CA SER A 177 8.61 20.90 -19.86
C SER A 177 8.81 19.41 -19.99
N SER A 178 10.06 19.02 -20.23
CA SER A 178 10.42 17.62 -20.28
CA SER A 178 10.41 17.62 -20.29
C SER A 178 10.06 16.92 -18.96
N ASP A 179 10.30 17.60 -17.82
CA ASP A 179 9.91 17.09 -16.52
CA ASP A 179 9.91 17.12 -16.51
C ASP A 179 8.39 16.88 -16.47
N ASP A 180 7.63 17.83 -17.03
CA ASP A 180 6.18 17.64 -17.05
C ASP A 180 5.80 16.34 -17.80
N VAL A 181 6.47 16.07 -18.93
CA VAL A 181 6.20 14.92 -19.78
C VAL A 181 6.55 13.67 -19.00
N LYS A 182 7.72 13.70 -18.34
CA LYS A 182 8.19 12.54 -17.62
CA LYS A 182 8.24 12.57 -17.57
C LYS A 182 7.25 12.20 -16.47
N LYS A 183 6.67 13.22 -15.80
CA LYS A 183 5.72 12.98 -14.72
C LYS A 183 4.45 12.31 -15.23
N LEU A 184 3.98 12.75 -16.41
CA LEU A 184 2.75 12.18 -16.90
C LEU A 184 3.01 10.74 -17.34
N GLU A 185 4.15 10.53 -18.01
CA GLU A 185 4.61 9.19 -18.35
CA GLU A 185 4.59 9.19 -18.36
C GLU A 185 4.57 8.29 -17.12
N ARG A 186 5.12 8.80 -16.03
CA ARG A 186 5.23 8.04 -14.79
C ARG A 186 3.86 7.66 -14.22
N CYS A 187 2.87 8.55 -14.30
CA CYS A 187 1.54 8.19 -13.85
C CYS A 187 1.03 6.97 -14.64
N TYR A 188 1.15 7.01 -15.98
CA TYR A 188 0.68 5.91 -16.83
C TYR A 188 1.44 4.62 -16.50
N ASN A 189 2.77 4.72 -16.43
CA ASN A 189 3.62 3.60 -16.06
CA ASN A 189 3.62 3.59 -16.08
C ASN A 189 3.23 2.99 -14.72
N SER A 190 3.15 3.83 -13.68
CA SER A 190 2.85 3.36 -12.34
C SER A 190 1.49 2.66 -12.22
N CYS A 191 0.46 3.16 -12.91
CA CYS A 191 -0.85 2.52 -12.93
C CYS A 191 -0.84 1.17 -13.67
N LEU A 192 -0.18 1.13 -14.85
CA LEU A 192 -0.06 -0.11 -15.62
C LEU A 192 0.68 -1.19 -14.82
N GLU A 193 1.80 -0.82 -14.20
CA GLU A 193 2.59 -1.71 -13.37
C GLU A 193 1.79 -2.28 -12.19
N LEU A 194 1.11 -1.41 -11.44
CA LEU A 194 0.32 -1.83 -10.28
C LEU A 194 -0.84 -2.75 -10.67
N ALA A 195 -1.65 -2.40 -11.68
CA ALA A 195 -2.71 -3.26 -12.17
C ALA A 195 -2.19 -4.59 -12.70
N SER A 196 -1.00 -4.60 -13.32
CA SER A 196 -0.35 -5.81 -13.81
C SER A 196 0.08 -6.70 -12.63
N GLU A 197 0.68 -6.10 -11.60
CA GLU A 197 1.06 -6.79 -10.38
C GLU A 197 -0.14 -7.44 -9.68
N TYR A 198 -1.29 -6.77 -9.68
CA TYR A 198 -2.54 -7.25 -9.08
C TYR A 198 -3.30 -8.21 -10.01
N LYS A 199 -2.78 -8.51 -11.22
CA LYS A 199 -3.24 -9.61 -12.07
CA LYS A 199 -3.25 -9.60 -12.07
C LYS A 199 -4.62 -9.27 -12.67
N LEU A 200 -4.82 -7.98 -12.96
CA LEU A 200 -6.08 -7.49 -13.47
C LEU A 200 -6.15 -7.73 -14.97
N ASN A 201 -7.37 -7.87 -15.46
CA ASN A 201 -7.65 -8.14 -16.87
C ASN A 201 -7.82 -6.82 -17.62
N SER A 202 -8.31 -5.75 -16.93
CA SER A 202 -8.61 -4.51 -17.64
CA SER A 202 -8.65 -4.51 -17.62
C SER A 202 -8.38 -3.30 -16.73
N ILE A 203 -7.97 -2.19 -17.37
CA ILE A 203 -7.81 -0.91 -16.68
C ILE A 203 -8.32 0.17 -17.61
N ALA A 204 -9.08 1.12 -17.04
CA ALA A 204 -9.56 2.25 -17.79
C ALA A 204 -8.92 3.53 -17.28
N PHE A 205 -8.22 4.26 -18.16
CA PHE A 205 -7.63 5.53 -17.77
C PHE A 205 -8.57 6.67 -18.11
N CYS A 206 -8.62 7.67 -17.23
CA CYS A 206 -9.09 8.99 -17.62
C CYS A 206 -7.95 9.77 -18.28
N CYS A 207 -8.31 10.89 -18.91
CA CYS A 207 -7.34 11.77 -19.56
C CYS A 207 -6.59 12.60 -18.49
N ILE A 208 -5.70 11.95 -17.72
CA ILE A 208 -4.96 12.54 -16.62
C ILE A 208 -4.40 13.89 -16.99
N SER A 209 -4.61 14.91 -16.12
CA SER A 209 -3.94 16.19 -16.16
C SER A 209 -4.51 17.12 -17.23
N THR A 210 -5.48 16.68 -18.06
CA THR A 210 -5.97 17.50 -19.16
C THR A 210 -7.25 18.24 -18.82
N GLY A 211 -7.83 17.99 -17.62
CA GLY A 211 -8.95 18.80 -17.16
C GLY A 211 -8.46 20.15 -16.60
N VAL A 212 -8.69 20.34 -15.28
CA VAL A 212 -8.26 21.54 -14.58
CA VAL A 212 -8.27 21.53 -14.55
C VAL A 212 -6.75 21.66 -14.60
N PHE A 213 -6.00 20.55 -14.75
CA PHE A 213 -4.54 20.64 -14.71
C PHE A 213 -3.94 21.16 -16.02
N ASN A 214 -4.75 21.42 -17.04
CA ASN A 214 -4.32 22.22 -18.20
C ASN A 214 -3.20 21.56 -19.03
N PHE A 215 -3.02 20.23 -18.96
CA PHE A 215 -2.05 19.56 -19.83
C PHE A 215 -2.59 19.53 -21.26
N PRO A 216 -1.84 20.05 -22.25
CA PRO A 216 -2.37 20.13 -23.63
C PRO A 216 -2.84 18.76 -24.11
N GLN A 217 -4.04 18.70 -24.68
CA GLN A 217 -4.74 17.43 -24.84
C GLN A 217 -4.11 16.56 -25.92
N LYS A 218 -3.61 17.12 -27.04
CA LYS A 218 -2.90 16.29 -28.02
C LYS A 218 -1.65 15.67 -27.39
N LYS A 219 -0.86 16.49 -26.69
CA LYS A 219 0.42 16.07 -26.12
C LYS A 219 0.17 14.96 -25.08
N ALA A 220 -0.83 15.16 -24.21
CA ALA A 220 -1.19 14.16 -23.20
C ALA A 220 -1.58 12.86 -23.86
N ALA A 221 -2.41 12.92 -24.91
CA ALA A 221 -2.79 11.69 -25.58
C ALA A 221 -1.59 10.97 -26.16
N GLU A 222 -0.64 11.71 -26.78
CA GLU A 222 0.54 11.10 -27.38
C GLU A 222 1.34 10.35 -26.31
N ILE A 223 1.47 10.96 -25.12
CA ILE A 223 2.21 10.37 -24.00
C ILE A 223 1.52 9.12 -23.49
N ALA A 224 0.19 9.20 -23.34
CA ALA A 224 -0.60 8.12 -22.78
C ALA A 224 -0.50 6.89 -23.70
N ILE A 225 -0.72 7.12 -25.00
CA ILE A 225 -0.63 6.07 -25.99
C ILE A 225 0.78 5.51 -26.09
N ARG A 226 1.79 6.39 -26.16
CA ARG A 226 3.16 5.86 -26.21
C ARG A 226 3.50 5.04 -24.96
N THR A 227 3.11 5.52 -23.77
CA THR A 227 3.47 4.84 -22.55
C THR A 227 2.80 3.46 -22.48
N VAL A 228 1.52 3.39 -22.89
CA VAL A 228 0.76 2.16 -22.90
C VAL A 228 1.37 1.21 -23.95
N LYS A 229 1.65 1.70 -25.16
CA LYS A 229 2.23 0.79 -26.16
C LYS A 229 3.62 0.30 -25.74
N ASP A 230 4.49 1.18 -25.21
CA ASP A 230 5.78 0.73 -24.70
C ASP A 230 5.61 -0.34 -23.62
N PHE A 231 4.67 -0.12 -22.70
CA PHE A 231 4.42 -1.06 -21.63
C PHE A 231 4.03 -2.45 -22.17
N LEU A 232 3.10 -2.50 -23.13
CA LEU A 232 2.64 -3.76 -23.70
C LEU A 232 3.73 -4.42 -24.55
N ASN A 233 4.57 -3.62 -25.23
CA ASN A 233 5.65 -4.13 -26.06
CA ASN A 233 5.65 -4.14 -26.06
C ASN A 233 6.80 -4.70 -25.22
N SER A 234 6.91 -4.26 -23.95
CA SER A 234 8.08 -4.54 -23.11
CA SER A 234 8.08 -4.54 -23.11
C SER A 234 7.75 -5.46 -21.93
N ASN A 235 6.46 -5.82 -21.72
CA ASN A 235 6.10 -6.60 -20.53
C ASN A 235 5.08 -7.71 -20.84
N GLU A 236 5.29 -8.88 -20.21
CA GLU A 236 4.21 -9.81 -19.96
C GLU A 236 3.27 -9.17 -18.93
N THR A 237 1.96 -9.26 -19.19
CA THR A 237 0.95 -8.66 -18.33
C THR A 237 -0.33 -9.48 -18.40
N SER A 238 -1.06 -9.52 -17.28
CA SER A 238 -2.42 -10.05 -17.23
C SER A 238 -3.41 -9.16 -17.98
N LEU A 239 -3.05 -7.89 -18.17
CA LEU A 239 -3.96 -6.94 -18.78
C LEU A 239 -4.25 -7.35 -20.22
N ASN A 240 -5.53 -7.46 -20.53
CA ASN A 240 -5.99 -7.77 -21.87
CA ASN A 240 -6.01 -7.78 -21.87
C ASN A 240 -6.67 -6.57 -22.52
N HIS A 241 -7.03 -5.55 -21.73
CA HIS A 241 -7.74 -4.40 -22.25
C HIS A 241 -7.29 -3.17 -21.48
N ILE A 242 -6.68 -2.21 -22.19
CA ILE A 242 -6.34 -0.91 -21.65
C ILE A 242 -7.23 0.12 -22.35
N ILE A 243 -8.15 0.70 -21.57
CA ILE A 243 -9.25 1.47 -22.11
CA ILE A 243 -9.25 1.47 -22.11
C ILE A 243 -8.90 2.93 -21.92
N PHE A 244 -8.83 3.68 -23.03
CA PHE A 244 -8.81 5.11 -22.94
C PHE A 244 -10.24 5.58 -22.83
N ASP A 245 -10.63 5.89 -21.59
CA ASP A 245 -11.93 6.49 -21.31
C ASP A 245 -11.83 8.00 -21.49
N VAL A 246 -12.34 8.54 -22.60
CA VAL A 246 -12.38 9.97 -22.88
C VAL A 246 -13.74 10.54 -22.46
N PHE A 247 -13.76 11.81 -22.08
CA PHE A 247 -14.96 12.45 -21.57
C PHE A 247 -15.43 13.54 -22.55
N THR A 248 -14.53 14.23 -23.27
CA THR A 248 -14.91 15.25 -24.24
C THR A 248 -14.84 14.67 -25.66
N ASP A 249 -15.66 15.25 -26.55
CA ASP A 249 -15.54 14.99 -27.98
C ASP A 249 -14.13 15.27 -28.51
N LYS A 250 -13.52 16.36 -27.99
CA LYS A 250 -12.20 16.78 -28.41
C LYS A 250 -11.15 15.70 -28.12
N ASP A 251 -11.19 15.13 -26.91
CA ASP A 251 -10.34 14.01 -26.55
C ASP A 251 -10.63 12.79 -27.42
N TYR A 252 -11.91 12.47 -27.66
CA TYR A 252 -12.25 11.35 -28.53
C TYR A 252 -11.62 11.52 -29.91
N ASP A 253 -11.79 12.68 -30.55
CA ASP A 253 -11.25 12.95 -31.86
C ASP A 253 -9.73 12.87 -31.92
N ILE A 254 -9.06 13.36 -30.87
CA ILE A 254 -7.60 13.26 -30.75
C ILE A 254 -7.16 11.79 -30.70
N TYR A 255 -7.73 11.02 -29.77
CA TYR A 255 -7.32 9.62 -29.58
C TYR A 255 -7.66 8.80 -30.83
N LYS A 256 -8.76 9.17 -31.52
CA LYS A 256 -9.21 8.41 -32.69
C LYS A 256 -8.16 8.60 -33.77
N LYS A 257 -7.74 9.86 -33.98
CA LYS A 257 -6.72 10.14 -34.97
CA LYS A 257 -6.72 10.15 -34.98
C LYS A 257 -5.42 9.41 -34.62
N LEU A 258 -4.94 9.54 -33.37
CA LEU A 258 -3.67 8.94 -33.03
C LEU A 258 -3.68 7.42 -33.08
N LEU A 259 -4.76 6.75 -32.62
CA LEU A 259 -4.82 5.29 -32.58
C LEU A 259 -5.16 4.66 -33.94
N PHE A 260 -6.05 5.30 -34.71
CA PHE A 260 -6.60 4.70 -35.93
C PHE A 260 -6.20 5.46 -37.19
N GLY A 261 -5.48 6.60 -37.07
CA GLY A 261 -4.85 7.24 -38.22
C GLY A 261 -3.60 6.45 -38.62
N ASN A 262 -3.81 5.40 -39.41
CA ASN A 262 -2.78 4.45 -39.82
C ASN A 262 -3.26 3.66 -41.05
N GLY B 1 0.15 17.19 27.99
CA GLY B 1 1.20 16.90 26.99
C GLY B 1 2.20 15.84 27.48
N PRO B 2 2.91 16.09 28.62
CA PRO B 2 3.93 15.17 29.12
C PRO B 2 3.39 13.88 29.75
N MET B 3 4.01 12.75 29.39
CA MET B 3 3.75 11.46 30.02
CA MET B 3 3.75 11.44 29.99
C MET B 3 5.09 10.76 30.26
N ASN B 4 5.28 10.21 31.47
CA ASN B 4 6.49 9.42 31.73
C ASN B 4 6.28 8.07 31.03
N ASN B 5 7.35 7.25 31.10
CA ASN B 5 7.38 5.95 30.45
C ASN B 5 6.33 5.02 31.04
N ASP B 6 6.16 5.02 32.36
CA ASP B 6 5.18 4.15 33.00
C ASP B 6 3.76 4.54 32.56
N GLU B 7 3.47 5.85 32.41
CA GLU B 7 2.16 6.35 32.03
C GLU B 7 1.81 6.01 30.58
N GLN B 8 2.81 6.09 29.69
CA GLN B 8 2.57 5.69 28.31
C GLN B 8 2.32 4.19 28.21
N LEU B 9 3.09 3.39 28.95
CA LEU B 9 2.84 1.95 28.91
C LEU B 9 1.43 1.62 29.42
N GLU B 10 1.00 2.29 30.49
CA GLU B 10 -0.32 2.11 31.08
CA GLU B 10 -0.32 2.12 31.08
C GLU B 10 -1.38 2.46 30.05
N PHE B 11 -1.20 3.61 29.39
CA PHE B 11 -2.12 4.07 28.38
C PHE B 11 -2.32 3.01 27.29
N LEU B 12 -1.21 2.50 26.74
CA LEU B 12 -1.27 1.59 25.59
C LEU B 12 -1.92 0.27 26.00
N ILE B 13 -1.50 -0.28 27.16
CA ILE B 13 -2.12 -1.51 27.64
C ILE B 13 -3.64 -1.32 27.82
N ASN B 14 -4.06 -0.25 28.50
CA ASN B 14 -5.47 -0.06 28.77
C ASN B 14 -6.26 0.14 27.48
N TYR B 15 -5.67 0.87 26.53
CA TYR B 15 -6.30 1.08 25.22
C TYR B 15 -6.55 -0.27 24.54
N LEU B 16 -5.54 -1.12 24.46
CA LEU B 16 -5.66 -2.38 23.73
C LEU B 16 -6.57 -3.35 24.50
N LEU B 17 -6.54 -3.34 25.85
CA LEU B 17 -7.47 -4.18 26.62
C LEU B 17 -8.92 -3.76 26.45
N ASP B 18 -9.16 -2.45 26.40
CA ASP B 18 -10.50 -1.92 26.22
CA ASP B 18 -10.50 -1.93 26.23
C ASP B 18 -11.09 -2.41 24.90
N GLU B 19 -10.26 -2.54 23.85
CA GLU B 19 -10.69 -3.06 22.55
C GLU B 19 -11.09 -4.53 22.62
N ARG B 20 -10.41 -5.30 23.46
CA ARG B 20 -10.58 -6.73 23.48
C ARG B 20 -11.90 -7.15 24.15
N SER B 21 -12.46 -8.26 23.63
CA SER B 21 -13.64 -8.84 24.27
CA SER B 21 -13.62 -8.93 24.24
C SER B 21 -13.29 -9.34 25.67
N GLU B 22 -12.07 -9.85 25.85
CA GLU B 22 -11.64 -10.41 27.12
C GLU B 22 -11.21 -9.31 28.08
N SER B 23 -11.13 -9.69 29.39
CA SER B 23 -10.60 -8.90 30.47
CA SER B 23 -10.52 -8.86 30.41
C SER B 23 -9.42 -9.64 31.11
N ILE B 24 -8.30 -8.95 31.36
CA ILE B 24 -7.08 -9.62 31.81
C ILE B 24 -6.58 -8.81 33.01
N ASP B 25 -6.32 -9.47 34.15
CA ASP B 25 -5.72 -8.77 35.27
CA ASP B 25 -5.70 -8.80 35.29
C ASP B 25 -4.36 -8.20 34.84
N ILE B 26 -4.06 -6.97 35.26
CA ILE B 26 -2.82 -6.33 34.86
C ILE B 26 -1.73 -6.83 35.82
N PRO B 27 -0.57 -7.30 35.29
CA PRO B 27 0.41 -8.00 36.13
C PRO B 27 1.23 -7.01 36.95
N LYS B 28 2.02 -7.55 37.88
CA LYS B 28 2.61 -6.75 38.95
C LYS B 28 3.83 -5.96 38.46
N THR B 29 4.77 -6.57 37.72
CA THR B 29 6.02 -5.91 37.41
C THR B 29 6.02 -5.17 36.08
N PHE B 30 7.00 -4.27 35.91
CA PHE B 30 7.21 -3.53 34.68
C PHE B 30 7.39 -4.49 33.49
N SER B 31 8.29 -5.47 33.63
CA SER B 31 8.58 -6.39 32.55
C SER B 31 7.33 -7.20 32.16
N GLU B 32 6.53 -7.64 33.15
CA GLU B 32 5.29 -8.36 32.85
C GLU B 32 4.33 -7.46 32.08
N LYS B 33 4.18 -6.20 32.52
CA LYS B 33 3.32 -5.24 31.82
C LYS B 33 3.83 -4.98 30.40
N ARG B 34 5.13 -4.93 30.21
CA ARG B 34 5.67 -4.67 28.88
C ARG B 34 5.40 -5.88 27.97
N ASN B 35 5.57 -7.08 28.51
CA ASN B 35 5.28 -8.29 27.74
C ASN B 35 3.80 -8.43 27.43
N LEU B 36 2.93 -7.94 28.34
CA LEU B 36 1.50 -7.87 28.05
C LEU B 36 1.25 -6.95 26.85
N LEU B 37 1.88 -5.77 26.82
CA LEU B 37 1.72 -4.87 25.68
C LEU B 37 2.09 -5.58 24.40
N ARG B 38 3.22 -6.27 24.38
CA ARG B 38 3.67 -6.96 23.18
C ARG B 38 2.66 -8.06 22.78
N SER B 39 2.20 -8.86 23.76
CA SER B 39 1.21 -9.92 23.54
C SER B 39 -0.07 -9.36 22.94
N LEU B 40 -0.51 -8.21 23.49
CA LEU B 40 -1.71 -7.57 22.93
C LEU B 40 -1.51 -7.10 21.49
N MET B 41 -0.36 -6.48 21.22
CA MET B 41 -0.01 -6.11 19.87
C MET B 41 0.06 -7.36 18.96
N ASN B 42 0.66 -8.45 19.45
CA ASN B 42 0.78 -9.67 18.67
C ASN B 42 -0.60 -10.19 18.24
N MET B 43 -1.59 -10.24 19.16
CA MET B 43 -2.84 -10.92 18.94
C MET B 43 -3.83 -10.02 18.20
N ARG B 44 -3.50 -8.74 17.95
CA ARG B 44 -4.51 -7.78 17.52
C ARG B 44 -4.79 -7.98 16.04
N HIS B 45 -6.03 -8.39 15.75
CA HIS B 45 -6.48 -8.56 14.37
C HIS B 45 -6.46 -7.20 13.69
N PRO B 46 -6.19 -7.17 12.37
CA PRO B 46 -6.12 -5.91 11.66
C PRO B 46 -7.46 -5.16 11.78
N SER B 47 -7.34 -3.93 12.27
CA SER B 47 -8.44 -3.01 12.50
C SER B 47 -7.81 -1.63 12.59
N ASN B 48 -8.38 -0.67 11.88
CA ASN B 48 -7.74 0.63 11.75
C ASN B 48 -7.84 1.36 13.10
N ILE B 49 -6.73 1.37 13.87
CA ILE B 49 -6.69 2.02 15.19
C ILE B 49 -6.50 3.51 14.96
N SER B 50 -6.79 4.29 16.00
CA SER B 50 -6.81 5.74 15.90
C SER B 50 -5.41 6.36 15.90
N GLU B 51 -5.39 7.64 15.52
CA GLU B 51 -4.19 8.46 15.42
C GLU B 51 -3.61 8.81 16.80
N GLU B 52 -4.46 9.04 17.83
CA GLU B 52 -4.00 9.31 19.20
CA GLU B 52 -4.02 9.30 19.20
C GLU B 52 -3.19 8.12 19.71
N PHE B 53 -3.70 6.90 19.48
CA PHE B 53 -3.04 5.69 19.98
C PHE B 53 -1.67 5.60 19.30
N LEU B 54 -1.67 5.76 17.97
CA LEU B 54 -0.45 5.62 17.18
C LEU B 54 0.59 6.67 17.59
N ARG B 55 0.15 7.88 17.96
CA ARG B 55 1.06 8.92 18.40
CA ARG B 55 1.05 8.93 18.41
C ARG B 55 1.78 8.48 19.66
N ILE B 56 1.03 7.99 20.66
CA ILE B 56 1.61 7.58 21.93
C ILE B 56 2.44 6.31 21.72
N GLN B 57 1.92 5.37 20.93
CA GLN B 57 2.64 4.14 20.64
C GLN B 57 3.99 4.48 20.01
N ASP B 58 4.00 5.39 19.02
CA ASP B 58 5.24 5.74 18.35
C ASP B 58 6.25 6.38 19.32
N GLU B 59 5.81 7.27 20.22
CA GLU B 59 6.74 7.87 21.19
C GLU B 59 7.37 6.80 22.07
N PHE B 60 6.53 5.90 22.58
CA PHE B 60 6.98 4.84 23.48
C PHE B 60 7.96 3.90 22.77
N LEU B 61 7.58 3.42 21.60
CA LEU B 61 8.38 2.44 20.88
C LEU B 61 9.64 3.04 20.27
N SER B 62 9.55 4.25 19.67
CA SER B 62 10.72 5.00 19.22
C SER B 62 11.68 5.25 20.39
N ARG B 63 11.17 5.64 21.58
CA ARG B 63 12.01 5.85 22.76
CA ARG B 63 12.05 5.85 22.73
C ARG B 63 12.73 4.54 23.11
N GLU B 64 11.97 3.44 23.04
CA GLU B 64 12.51 2.14 23.36
C GLU B 64 13.65 1.83 22.40
N THR B 65 13.41 2.05 21.10
CA THR B 65 14.44 1.87 20.10
C THR B 65 15.67 2.73 20.42
N ALA B 66 15.45 4.03 20.69
CA ALA B 66 16.52 4.99 20.91
C ALA B 66 17.39 4.60 22.11
N ASN B 67 16.82 3.90 23.09
CA ASN B 67 17.51 3.55 24.31
C ASN B 67 18.29 2.24 24.18
N LYS B 68 18.10 1.49 23.07
CA LYS B 68 18.94 0.34 22.80
C LYS B 68 20.31 0.81 22.34
N ASN B 69 21.26 -0.13 22.35
CA ASN B 69 22.56 0.05 21.71
CA ASN B 69 22.56 0.04 21.71
C ASN B 69 22.39 -0.18 20.21
N LEU B 70 22.31 0.92 19.43
CA LEU B 70 22.03 0.87 18.00
C LEU B 70 23.33 0.82 17.21
N THR B 71 23.25 0.34 15.96
CA THR B 71 24.39 0.22 15.07
C THR B 71 24.05 0.82 13.72
N SER B 72 24.93 1.74 13.29
CA SER B 72 24.94 2.34 11.97
C SER B 72 25.76 1.44 11.04
N VAL B 73 25.45 1.52 9.74
CA VAL B 73 26.15 0.75 8.72
C VAL B 73 27.65 1.09 8.75
N GLU B 74 27.97 2.38 8.97
CA GLU B 74 29.36 2.83 9.05
C GLU B 74 30.11 2.26 10.26
N ASP B 75 29.40 1.85 11.33
CA ASP B 75 30.01 1.21 12.48
C ASP B 75 30.45 -0.24 12.19
N ILE B 76 29.95 -0.91 11.12
CA ILE B 76 30.19 -2.34 10.93
C ILE B 76 31.61 -2.52 10.43
N SER B 77 32.39 -3.40 11.09
CA SER B 77 33.83 -3.46 10.92
C SER B 77 34.24 -4.54 9.90
N LEU B 78 33.49 -5.66 9.81
CA LEU B 78 33.79 -6.73 8.88
C LEU B 78 33.10 -6.51 7.52
N SER B 79 33.92 -6.43 6.46
CA SER B 79 33.36 -6.30 5.12
C SER B 79 34.24 -7.00 4.09
N SER B 80 33.61 -7.53 3.04
CA SER B 80 34.26 -8.04 1.85
C SER B 80 33.64 -7.30 0.67
N GLY B 81 34.27 -6.17 0.29
CA GLY B 81 33.67 -5.23 -0.64
C GLY B 81 32.36 -4.69 -0.08
N LYS B 82 31.26 -4.84 -0.85
CA LYS B 82 29.95 -4.39 -0.44
C LYS B 82 29.27 -5.33 0.57
N ILE B 83 29.80 -6.54 0.79
CA ILE B 83 29.23 -7.48 1.75
C ILE B 83 29.73 -7.10 3.14
N MET B 84 28.83 -7.10 4.13
CA MET B 84 29.22 -6.93 5.51
C MET B 84 28.71 -8.12 6.29
N LEU B 85 29.48 -8.51 7.33
CA LEU B 85 29.01 -9.48 8.31
C LEU B 85 28.88 -8.77 9.66
N TRP B 86 27.71 -8.90 10.28
CA TRP B 86 27.42 -8.27 11.56
C TRP B 86 26.59 -9.22 12.41
N GLN B 87 27.00 -9.45 13.66
CA GLN B 87 26.18 -10.21 14.60
C GLN B 87 25.40 -9.24 15.49
N GLY B 88 24.09 -9.40 15.53
CA GLY B 88 23.26 -8.66 16.47
C GLY B 88 21.79 -8.62 16.10
N ASP B 89 21.05 -7.84 16.89
CA ASP B 89 19.60 -7.80 16.83
C ASP B 89 19.23 -6.85 15.71
N ILE B 90 18.47 -7.37 14.74
CA ILE B 90 18.09 -6.60 13.57
C ILE B 90 17.25 -5.36 13.94
N THR B 91 16.55 -5.39 15.08
CA THR B 91 15.73 -4.26 15.50
C THR B 91 16.61 -3.13 16.04
N THR B 92 17.95 -3.32 16.09
CA THR B 92 18.86 -2.27 16.55
C THR B 92 19.75 -1.75 15.42
N LEU B 93 19.52 -2.17 14.17
CA LEU B 93 20.39 -1.85 13.04
C LEU B 93 19.75 -0.80 12.14
N SER B 94 20.44 0.33 11.96
CA SER B 94 19.91 1.44 11.16
CA SER B 94 19.95 1.46 11.16
C SER B 94 20.29 1.29 9.68
N ALA B 95 19.92 0.14 9.07
CA ALA B 95 20.02 -0.09 7.63
C ALA B 95 18.82 0.53 6.94
N ASP B 96 18.93 0.86 5.66
CA ASP B 96 17.79 1.43 4.96
C ASP B 96 16.63 0.42 4.98
N ALA B 97 16.96 -0.86 4.73
CA ALA B 97 15.98 -1.93 4.76
C ALA B 97 16.51 -3.07 5.60
N ILE B 98 15.64 -3.65 6.44
CA ILE B 98 15.89 -4.94 7.06
C ILE B 98 14.93 -5.94 6.44
N VAL B 99 15.37 -7.20 6.38
CA VAL B 99 14.59 -8.29 5.84
C VAL B 99 13.95 -9.12 6.95
N ASN B 100 12.63 -9.28 6.80
CA ASN B 100 11.80 -10.07 7.69
C ASN B 100 11.52 -11.42 7.01
N ALA B 101 11.76 -12.52 7.73
CA ALA B 101 11.29 -13.85 7.41
C ALA B 101 9.84 -13.96 7.84
N ALA B 102 8.97 -13.41 7.00
CA ALA B 102 7.52 -13.36 7.21
C ALA B 102 6.87 -14.72 6.91
N ASN B 103 5.58 -14.84 7.27
CA ASN B 103 4.80 -15.98 6.84
C ASN B 103 3.96 -15.54 5.64
N SER B 104 3.34 -16.53 4.96
CA SER B 104 2.61 -16.31 3.72
C SER B 104 1.43 -15.35 3.85
N LYS B 105 0.86 -15.12 5.04
CA LYS B 105 -0.21 -14.13 5.16
C LYS B 105 0.36 -12.71 5.35
N LEU B 106 1.67 -12.56 5.67
CA LEU B 106 2.38 -11.27 5.79
C LEU B 106 1.88 -10.37 6.93
N LEU B 107 1.00 -10.85 7.82
CA LEU B 107 0.42 -10.00 8.87
C LEU B 107 1.27 -9.99 10.13
N GLY B 108 2.47 -10.56 10.08
CA GLY B 108 3.21 -10.80 11.30
C GLY B 108 2.73 -12.06 12.02
N CYS B 109 3.04 -12.08 13.32
CA CYS B 109 2.85 -13.27 14.13
C CYS B 109 1.81 -13.00 15.23
N PHE B 110 0.81 -13.88 15.33
CA PHE B 110 -0.26 -13.63 16.28
C PHE B 110 -0.08 -14.48 17.50
N ILE B 111 0.99 -15.27 17.54
CA ILE B 111 1.27 -16.04 18.74
C ILE B 111 1.91 -15.09 19.73
N PRO B 112 1.38 -14.89 20.98
CA PRO B 112 1.92 -13.85 21.88
C PRO B 112 3.27 -14.32 22.46
N MET B 113 4.24 -13.41 22.42
CA MET B 113 5.58 -13.59 22.95
CA MET B 113 5.61 -13.52 22.88
C MET B 113 6.39 -14.59 22.11
N HIS B 114 6.00 -14.87 20.87
CA HIS B 114 6.73 -15.86 20.08
C HIS B 114 8.06 -15.28 19.63
N ASN B 115 9.17 -16.06 19.70
CA ASN B 115 10.46 -15.44 19.47
CA ASN B 115 10.51 -15.57 19.50
C ASN B 115 10.94 -15.61 18.02
N CYS B 116 10.00 -15.70 17.06
CA CYS B 116 10.39 -15.67 15.68
C CYS B 116 10.78 -14.23 15.31
N ILE B 117 11.49 -14.04 14.19
CA ILE B 117 12.00 -12.71 13.86
C ILE B 117 10.83 -11.82 13.43
N ASP B 118 9.81 -12.47 12.82
CA ASP B 118 8.58 -11.80 12.41
C ASP B 118 7.91 -11.08 13.58
N ASN B 119 7.72 -11.82 14.69
CA ASN B 119 7.09 -11.28 15.89
C ASN B 119 7.93 -10.16 16.50
N ILE B 120 9.23 -10.42 16.58
CA ILE B 120 10.15 -9.46 17.15
CA ILE B 120 10.20 -9.48 17.11
C ILE B 120 10.14 -8.17 16.33
N ILE B 121 10.17 -8.29 15.01
CA ILE B 121 10.12 -7.13 14.12
C ILE B 121 8.81 -6.37 14.29
N HIS B 122 7.68 -7.06 14.15
CA HIS B 122 6.38 -6.40 14.28
C HIS B 122 6.24 -5.71 15.63
N SER B 123 6.73 -6.39 16.68
CA SER B 123 6.60 -5.92 18.04
C SER B 123 7.36 -4.60 18.30
N ALA B 124 8.51 -4.42 17.65
CA ALA B 124 9.36 -3.25 17.79
C ALA B 124 8.90 -2.12 16.87
N SER B 125 8.35 -2.50 15.73
CA SER B 125 7.99 -1.57 14.66
C SER B 125 6.73 -0.80 15.01
N GLY B 126 5.70 -1.51 15.53
CA GLY B 126 4.39 -0.93 15.81
C GLY B 126 3.28 -1.55 14.97
N LEU B 127 2.01 -1.34 15.39
CA LEU B 127 0.84 -1.92 14.75
C LEU B 127 0.72 -1.54 13.27
N GLN B 128 1.39 -0.45 12.86
CA GLN B 128 1.37 0.03 11.48
C GLN B 128 2.00 -0.96 10.53
N LEU B 129 2.96 -1.77 11.02
CA LEU B 129 3.59 -2.74 10.12
C LEU B 129 2.56 -3.75 9.64
N ARG B 130 1.74 -4.31 10.58
CA ARG B 130 0.68 -5.25 10.22
C ARG B 130 -0.37 -4.58 9.34
N GLU B 131 -0.70 -3.32 9.65
CA GLU B 131 -1.77 -2.65 8.94
C GLU B 131 -1.34 -2.53 7.47
N GLU B 132 -0.11 -2.06 7.24
CA GLU B 132 0.38 -1.84 5.88
C GLU B 132 0.46 -3.17 5.14
N CYS B 133 0.99 -4.20 5.82
CA CYS B 133 1.10 -5.53 5.21
C CYS B 133 -0.28 -6.10 4.84
N ASN B 134 -1.27 -5.95 5.72
CA ASN B 134 -2.62 -6.45 5.51
C ASN B 134 -3.29 -5.77 4.31
N ARG B 135 -3.17 -4.44 4.24
CA ARG B 135 -3.77 -3.68 3.15
C ARG B 135 -3.21 -4.17 1.81
N MET B 136 -1.88 -4.38 1.77
CA MET B 136 -1.13 -4.83 0.60
C MET B 136 -1.63 -6.18 0.06
N ILE B 137 -1.67 -7.20 0.93
CA ILE B 137 -1.86 -8.58 0.51
CA ILE B 137 -1.86 -8.57 0.46
C ILE B 137 -3.34 -8.90 0.31
N MET B 138 -4.21 -8.26 1.13
CA MET B 138 -5.62 -8.61 1.14
C MET B 138 -6.25 -8.38 -0.24
N LEU B 139 -5.83 -7.35 -0.96
CA LEU B 139 -6.36 -7.14 -2.32
C LEU B 139 -5.73 -8.06 -3.37
N GLN B 140 -4.63 -8.74 -3.04
CA GLN B 140 -3.98 -9.70 -3.92
C GLN B 140 -4.35 -11.15 -3.57
N GLY B 141 -5.40 -11.39 -2.76
CA GLY B 141 -5.91 -12.73 -2.45
C GLY B 141 -5.43 -13.28 -1.10
N GLY B 142 -4.60 -12.51 -0.37
CA GLY B 142 -4.33 -12.81 1.03
C GLY B 142 -3.14 -13.76 1.25
N ASP B 143 -2.50 -14.27 0.17
CA ASP B 143 -1.55 -15.36 0.27
C ASP B 143 -0.29 -15.12 -0.56
N GLU B 144 0.86 -15.01 0.12
CA GLU B 144 2.09 -14.61 -0.56
C GLU B 144 2.90 -15.86 -0.94
N ASP B 145 3.50 -15.82 -2.14
CA ASP B 145 4.29 -16.91 -2.67
C ASP B 145 5.63 -16.91 -1.97
N VAL B 146 6.26 -18.08 -1.85
CA VAL B 146 7.65 -18.15 -1.38
C VAL B 146 8.55 -17.47 -2.42
N GLY B 147 9.58 -16.76 -1.95
CA GLY B 147 10.66 -16.31 -2.80
C GLY B 147 10.41 -14.97 -3.46
N LYS B 148 9.47 -14.19 -2.90
CA LYS B 148 9.23 -12.83 -3.34
C LYS B 148 9.71 -11.86 -2.27
N ALA B 149 9.47 -10.58 -2.51
CA ALA B 149 9.78 -9.51 -1.55
C ALA B 149 8.73 -8.41 -1.68
N LYS B 150 8.25 -7.94 -0.51
CA LYS B 150 7.33 -6.81 -0.43
C LYS B 150 7.91 -5.80 0.56
N ILE B 151 7.90 -4.53 0.20
CA ILE B 151 8.50 -3.48 1.02
C ILE B 151 7.42 -2.68 1.75
N THR B 152 7.69 -2.39 3.05
CA THR B 152 6.87 -1.51 3.88
C THR B 152 7.78 -0.51 4.61
N ASN B 153 7.17 0.52 5.21
CA ASN B 153 7.90 1.38 6.15
C ASN B 153 8.30 0.51 7.33
N ALA B 154 9.27 0.99 8.12
CA ALA B 154 9.71 0.29 9.31
C ALA B 154 9.20 0.96 10.60
N TYR B 155 8.52 2.13 10.52
CA TYR B 155 7.90 2.79 11.67
C TYR B 155 8.97 2.97 12.76
N ASN B 156 8.77 2.34 13.92
CA ASN B 156 9.52 2.68 15.10
C ASN B 156 10.84 1.93 15.16
N LEU B 157 11.11 1.02 14.20
CA LEU B 157 12.47 0.53 14.02
C LEU B 157 13.45 1.64 13.63
N PRO B 158 14.78 1.44 13.85
CA PRO B 158 15.78 2.38 13.36
C PRO B 158 16.12 2.30 11.86
N SER B 159 15.63 1.25 11.18
CA SER B 159 15.70 1.14 9.73
C SER B 159 14.60 1.99 9.12
N LYS B 160 14.66 2.24 7.81
CA LYS B 160 13.65 3.04 7.11
C LYS B 160 12.53 2.16 6.56
N TYR B 161 12.87 0.93 6.13
CA TYR B 161 11.93 0.03 5.48
C TYR B 161 12.12 -1.39 5.99
N VAL B 162 11.06 -2.19 5.92
CA VAL B 162 11.13 -3.64 6.10
C VAL B 162 10.79 -4.29 4.78
N VAL B 163 11.63 -5.25 4.35
CA VAL B 163 11.34 -6.04 3.15
C VAL B 163 10.94 -7.41 3.67
N HIS B 164 9.71 -7.84 3.36
CA HIS B 164 9.18 -9.09 3.87
C HIS B 164 9.30 -10.14 2.77
N THR B 165 9.89 -11.30 3.13
CA THR B 165 10.03 -12.43 2.24
C THR B 165 9.57 -13.69 2.98
N VAL B 166 9.09 -14.66 2.21
CA VAL B 166 8.67 -15.96 2.74
C VAL B 166 9.64 -16.98 2.17
N GLY B 167 10.41 -17.65 3.03
CA GLY B 167 11.35 -18.66 2.58
C GLY B 167 10.80 -20.09 2.56
N PRO B 168 11.58 -21.04 2.00
CA PRO B 168 11.24 -22.45 2.04
C PRO B 168 11.34 -22.98 3.47
N SER B 169 10.48 -23.97 3.76
CA SER B 169 10.54 -24.69 5.03
CA SER B 169 10.48 -24.70 5.02
C SER B 169 10.99 -26.12 4.75
N ILE B 170 11.86 -26.64 5.63
CA ILE B 170 12.36 -28.01 5.53
C ILE B 170 11.73 -28.80 6.66
N GLU B 171 11.16 -29.97 6.35
CA GLU B 171 10.57 -30.85 7.35
C GLU B 171 11.67 -31.36 8.27
N ARG B 172 11.31 -31.61 9.54
CA ARG B 172 12.21 -32.12 10.55
C ARG B 172 12.89 -33.40 10.04
N GLY B 173 14.23 -33.44 10.10
N GLY B 173 14.23 -33.46 10.13
CA GLY B 173 15.03 -34.60 9.73
CA GLY B 173 15.00 -34.63 9.72
C GLY B 173 15.06 -34.92 8.23
C GLY B 173 15.42 -34.63 8.25
N MET B 174 14.61 -34.00 7.37
CA MET B 174 14.63 -34.21 5.93
CA MET B 174 14.65 -34.23 5.94
C MET B 174 15.72 -33.35 5.30
N ARG B 175 16.16 -33.77 4.11
CA ARG B 175 17.21 -33.06 3.40
CA ARG B 175 17.19 -33.12 3.32
C ARG B 175 16.58 -31.96 2.55
N VAL B 176 17.43 -31.03 2.11
CA VAL B 176 17.07 -29.97 1.21
C VAL B 176 17.01 -30.52 -0.21
N SER B 177 16.03 -30.03 -0.98
CA SER B 177 15.91 -30.38 -2.38
C SER B 177 16.44 -29.24 -3.25
N SER B 178 16.68 -29.53 -4.52
CA SER B 178 17.02 -28.49 -5.48
C SER B 178 15.96 -27.39 -5.49
N ASP B 179 14.68 -27.76 -5.44
CA ASP B 179 13.60 -26.78 -5.39
CA ASP B 179 13.64 -26.74 -5.41
C ASP B 179 13.73 -25.90 -4.15
N ASP B 180 14.08 -26.51 -3.02
CA ASP B 180 14.22 -25.70 -1.81
C ASP B 180 15.34 -24.67 -1.97
N VAL B 181 16.47 -25.09 -2.53
CA VAL B 181 17.59 -24.18 -2.76
C VAL B 181 17.16 -23.06 -3.70
N LYS B 182 16.38 -23.42 -4.73
CA LYS B 182 15.99 -22.41 -5.70
CA LYS B 182 15.89 -22.46 -5.72
C LYS B 182 15.05 -21.39 -5.04
N LYS B 183 14.15 -21.82 -4.14
CA LYS B 183 13.30 -20.91 -3.39
CA LYS B 183 13.30 -20.92 -3.38
C LYS B 183 14.11 -19.96 -2.52
N LEU B 184 15.12 -20.46 -1.79
CA LEU B 184 15.89 -19.56 -0.95
C LEU B 184 16.67 -18.55 -1.78
N GLU B 185 17.29 -19.03 -2.87
CA GLU B 185 17.95 -18.13 -3.81
CA GLU B 185 17.96 -18.14 -3.82
C GLU B 185 16.98 -17.04 -4.24
N ARG B 186 15.73 -17.40 -4.52
CA ARG B 186 14.75 -16.42 -5.03
C ARG B 186 14.49 -15.33 -3.98
N CYS B 187 14.42 -15.73 -2.69
CA CYS B 187 14.19 -14.80 -1.60
C CYS B 187 15.29 -13.74 -1.62
N TYR B 188 16.56 -14.17 -1.64
CA TYR B 188 17.66 -13.25 -1.67
C TYR B 188 17.60 -12.39 -2.94
N ASN B 189 17.34 -12.99 -4.11
CA ASN B 189 17.31 -12.21 -5.35
C ASN B 189 16.20 -11.16 -5.31
N SER B 190 15.00 -11.56 -4.89
CA SER B 190 13.85 -10.67 -4.88
C SER B 190 14.07 -9.45 -3.99
N CYS B 191 14.70 -9.68 -2.82
CA CYS B 191 14.99 -8.65 -1.85
C CYS B 191 16.00 -7.67 -2.45
N LEU B 192 17.06 -8.20 -3.07
CA LEU B 192 18.10 -7.35 -3.66
C LEU B 192 17.53 -6.49 -4.77
N GLU B 193 16.70 -7.10 -5.63
CA GLU B 193 16.05 -6.42 -6.75
C GLU B 193 15.18 -5.28 -6.23
N LEU B 194 14.34 -5.57 -5.23
CA LEU B 194 13.40 -4.59 -4.70
C LEU B 194 14.13 -3.41 -4.07
N ALA B 195 15.16 -3.70 -3.25
CA ALA B 195 15.94 -2.66 -2.62
C ALA B 195 16.63 -1.79 -3.68
N SER B 196 17.11 -2.40 -4.77
CA SER B 196 17.75 -1.70 -5.87
C SER B 196 16.73 -0.81 -6.59
N GLU B 197 15.50 -1.30 -6.79
CA GLU B 197 14.41 -0.52 -7.37
C GLU B 197 14.08 0.73 -6.53
N TYR B 198 14.20 0.62 -5.18
CA TYR B 198 13.92 1.73 -4.27
C TYR B 198 15.17 2.59 -4.05
N LYS B 199 16.28 2.29 -4.73
CA LYS B 199 17.49 3.09 -4.72
C LYS B 199 18.07 3.18 -3.31
N LEU B 200 18.04 2.06 -2.56
CA LEU B 200 18.52 2.05 -1.19
C LEU B 200 20.04 1.91 -1.20
N ASN B 201 20.64 2.36 -0.09
CA ASN B 201 22.07 2.28 0.14
C ASN B 201 22.45 0.96 0.82
N SER B 202 21.57 0.45 1.71
CA SER B 202 21.95 -0.66 2.59
C SER B 202 20.73 -1.55 2.83
N ILE B 203 20.96 -2.86 2.82
CA ILE B 203 19.97 -3.86 3.19
C ILE B 203 20.68 -4.87 4.11
N ALA B 204 19.98 -5.28 5.20
CA ALA B 204 20.46 -6.26 6.14
C ALA B 204 19.53 -7.48 6.09
N PHE B 205 20.09 -8.66 5.76
CA PHE B 205 19.37 -9.93 5.74
C PHE B 205 19.47 -10.62 7.10
N CYS B 206 18.38 -11.24 7.54
CA CYS B 206 18.44 -12.31 8.54
C CYS B 206 18.78 -13.62 7.88
N CYS B 207 19.05 -14.66 8.69
CA CYS B 207 19.37 -15.99 8.17
C CYS B 207 18.08 -16.72 7.80
N ILE B 208 17.48 -16.31 6.68
CA ILE B 208 16.16 -16.76 6.25
C ILE B 208 16.12 -18.28 6.30
N SER B 209 15.04 -18.83 6.90
CA SER B 209 14.66 -20.24 6.84
C SER B 209 15.50 -21.13 7.76
N THR B 210 16.47 -20.53 8.49
CA THR B 210 17.36 -21.35 9.29
C THR B 210 16.92 -21.43 10.74
N GLY B 211 15.83 -20.77 11.13
CA GLY B 211 15.29 -20.89 12.47
C GLY B 211 14.31 -22.05 12.55
N VAL B 212 13.03 -21.70 12.73
CA VAL B 212 11.99 -22.72 12.83
C VAL B 212 11.84 -23.50 11.52
N PHE B 213 12.23 -22.89 10.38
CA PHE B 213 12.10 -23.56 9.09
C PHE B 213 13.21 -24.54 8.79
N ASN B 214 14.23 -24.67 9.67
CA ASN B 214 15.08 -25.87 9.69
C ASN B 214 15.92 -26.04 8.41
N PHE B 215 16.18 -24.95 7.65
CA PHE B 215 17.13 -25.01 6.56
C PHE B 215 18.53 -25.15 7.16
N PRO B 216 19.33 -26.17 6.77
CA PRO B 216 20.69 -26.30 7.31
C PRO B 216 21.54 -25.05 7.17
N GLN B 217 22.17 -24.67 8.27
CA GLN B 217 22.73 -23.33 8.43
C GLN B 217 23.88 -23.10 7.47
N LYS B 218 24.76 -24.10 7.26
CA LYS B 218 25.89 -23.91 6.37
C LYS B 218 25.42 -23.74 4.92
N LYS B 219 24.57 -24.66 4.46
CA LYS B 219 24.03 -24.63 3.11
CA LYS B 219 24.09 -24.61 3.09
C LYS B 219 23.32 -23.31 2.87
N ALA B 220 22.47 -22.90 3.85
CA ALA B 220 21.76 -21.63 3.73
C ALA B 220 22.75 -20.48 3.50
N ALA B 221 23.85 -20.44 4.27
CA ALA B 221 24.82 -19.37 4.18
C ALA B 221 25.52 -19.38 2.82
N GLU B 222 25.88 -20.58 2.34
CA GLU B 222 26.48 -20.73 1.02
C GLU B 222 25.55 -20.18 -0.05
N ILE B 223 24.23 -20.45 0.07
CA ILE B 223 23.26 -19.98 -0.92
C ILE B 223 23.16 -18.45 -0.86
N ALA B 224 23.06 -17.90 0.34
CA ALA B 224 22.92 -16.48 0.57
C ALA B 224 24.12 -15.76 -0.03
N ILE B 225 25.32 -16.19 0.35
CA ILE B 225 26.52 -15.54 -0.16
C ILE B 225 26.61 -15.61 -1.69
N ARG B 226 26.38 -16.82 -2.24
CA ARG B 226 26.52 -17.05 -3.67
C ARG B 226 25.53 -16.15 -4.41
N THR B 227 24.30 -16.07 -3.90
CA THR B 227 23.26 -15.27 -4.54
C THR B 227 23.63 -13.79 -4.50
N VAL B 228 24.11 -13.30 -3.34
CA VAL B 228 24.47 -11.89 -3.21
C VAL B 228 25.64 -11.57 -4.17
N LYS B 229 26.67 -12.42 -4.19
CA LYS B 229 27.86 -12.16 -5.00
C LYS B 229 27.52 -12.24 -6.50
N ASP B 230 26.71 -13.22 -6.89
CA ASP B 230 26.19 -13.25 -8.26
C ASP B 230 25.44 -11.97 -8.63
N PHE B 231 24.57 -11.51 -7.71
CA PHE B 231 23.81 -10.30 -7.95
C PHE B 231 24.77 -9.13 -8.19
N LEU B 232 25.77 -8.98 -7.31
CA LEU B 232 26.66 -7.82 -7.37
C LEU B 232 27.51 -7.89 -8.64
N ASN B 233 27.91 -9.11 -9.05
CA ASN B 233 28.74 -9.29 -10.23
CA ASN B 233 28.75 -9.29 -10.23
C ASN B 233 28.00 -8.94 -11.51
N SER B 234 26.65 -9.08 -11.50
CA SER B 234 25.85 -9.08 -12.71
CA SER B 234 25.86 -9.08 -12.72
C SER B 234 24.93 -7.85 -12.80
N ASN B 235 24.81 -7.06 -11.72
CA ASN B 235 23.84 -5.96 -11.71
C ASN B 235 24.49 -4.67 -11.20
N GLU B 236 24.15 -3.57 -11.90
CA GLU B 236 24.26 -2.25 -11.33
C GLU B 236 23.26 -2.11 -10.18
N THR B 237 23.69 -1.48 -9.09
CA THR B 237 22.82 -1.29 -7.93
C THR B 237 23.22 -0.03 -7.16
N SER B 238 22.22 0.58 -6.53
CA SER B 238 22.40 1.65 -5.56
C SER B 238 22.99 1.10 -4.28
N LEU B 239 22.80 -0.21 -4.03
CA LEU B 239 23.27 -0.81 -2.80
C LEU B 239 24.79 -0.72 -2.72
N ASN B 240 25.26 -0.11 -1.63
CA ASN B 240 26.67 -0.05 -1.30
C ASN B 240 27.00 -1.03 -0.18
N HIS B 241 26.00 -1.48 0.59
CA HIS B 241 26.26 -2.37 1.70
C HIS B 241 25.17 -3.45 1.74
N ILE B 242 25.57 -4.71 1.70
CA ILE B 242 24.67 -5.83 1.83
C ILE B 242 25.09 -6.55 3.09
N ILE B 243 24.28 -6.46 4.14
CA ILE B 243 24.72 -6.91 5.46
C ILE B 243 24.09 -8.27 5.74
N PHE B 244 24.94 -9.23 6.13
CA PHE B 244 24.45 -10.46 6.71
C PHE B 244 24.36 -10.24 8.20
N ASP B 245 23.13 -9.98 8.67
CA ASP B 245 22.84 -9.86 10.08
C ASP B 245 22.57 -11.26 10.62
N VAL B 246 23.58 -11.86 11.26
CA VAL B 246 23.47 -13.12 11.96
C VAL B 246 23.12 -12.85 13.42
N PHE B 247 22.33 -13.76 13.99
CA PHE B 247 21.90 -13.70 15.37
C PHE B 247 22.74 -14.64 16.21
N THR B 248 22.92 -15.89 15.76
CA THR B 248 23.59 -16.91 16.55
C THR B 248 25.10 -16.88 16.30
N ASP B 249 25.85 -17.20 17.34
CA ASP B 249 27.28 -17.35 17.22
C ASP B 249 27.64 -18.35 16.12
N LYS B 250 26.85 -19.42 16.00
CA LYS B 250 27.07 -20.46 14.99
C LYS B 250 26.97 -19.89 13.57
N ASP B 251 25.94 -19.07 13.31
CA ASP B 251 25.81 -18.43 12.01
C ASP B 251 26.95 -17.44 11.78
N TYR B 252 27.38 -16.70 12.80
CA TYR B 252 28.55 -15.83 12.67
C TYR B 252 29.76 -16.64 12.23
N ASP B 253 30.04 -17.75 12.90
CA ASP B 253 31.21 -18.57 12.56
C ASP B 253 31.13 -19.12 11.12
N ILE B 254 29.94 -19.58 10.74
CA ILE B 254 29.72 -20.10 9.40
C ILE B 254 30.05 -18.99 8.39
N TYR B 255 29.42 -17.82 8.56
CA TYR B 255 29.54 -16.76 7.57
C TYR B 255 30.97 -16.21 7.55
N LYS B 256 31.63 -16.11 8.72
CA LYS B 256 32.98 -15.58 8.78
C LYS B 256 33.92 -16.47 7.95
N LYS B 257 33.77 -17.78 8.16
CA LYS B 257 34.60 -18.75 7.46
CA LYS B 257 34.58 -18.76 7.46
C LYS B 257 34.36 -18.67 5.95
N LEU B 258 33.09 -18.67 5.51
CA LEU B 258 32.78 -18.68 4.09
C LEU B 258 33.29 -17.42 3.40
N LEU B 259 33.16 -16.27 4.08
CA LEU B 259 33.48 -14.99 3.48
C LEU B 259 34.98 -14.68 3.57
N PHE B 260 35.63 -15.07 4.68
CA PHE B 260 36.99 -14.62 4.99
C PHE B 260 37.96 -15.79 5.16
N GLY B 261 37.59 -16.99 4.69
CA GLY B 261 38.48 -18.14 4.65
C GLY B 261 39.48 -18.03 3.50
ZN ZN C . -12.81 18.58 -7.11
O5' JNT D . -9.90 15.83 -15.43
C5' JNT D . -9.27 14.61 -15.71
C4' JNT D . -10.07 14.06 -17.00
O4' JNT D . -11.24 13.38 -16.48
C3' JNT D . -10.57 15.15 -18.04
O3' JNT D . -10.37 14.62 -19.36
C2' JNT D . -12.06 15.16 -17.65
O2' JNT D . -12.92 15.62 -18.70
C1' JNT D . -12.34 13.78 -17.45
N9 JNT D . -13.56 13.47 -16.66
C8 JNT D . -14.32 14.19 -15.81
N7 JNT D . -15.34 13.41 -15.38
C5 JNT D . -15.19 12.22 -15.94
C4 JNT D . -14.09 12.27 -16.73
N3 JNT D . -13.70 11.18 -17.45
C2 JNT D . -14.44 10.01 -17.38
N1 JNT D . -15.54 9.98 -16.61
C6 JNT D . -15.93 11.05 -15.90
N6 JNT D . -17.04 10.95 -15.09
O1C JNT D . -9.50 16.60 -6.20
C1A JNT D . -8.86 16.43 -7.27
C2A JNT D . -7.63 17.25 -7.69
O2C JNT D . -7.64 18.50 -7.35
C3A JNT D . -6.85 16.88 -8.94
O3C JNT D . -5.45 17.14 -8.55
C4A JNT D . -7.28 17.62 -10.27
O4C JNT D . -8.72 17.37 -10.62
C5A JNT D . -6.30 17.02 -11.30
O5A JNT D . -6.57 17.65 -12.62
PB JNT D . -6.96 16.70 -13.82
O2B JNT D . -6.96 17.67 -15.08
O1B JNT D . -6.01 15.62 -13.95
O3A JNT D . -8.42 16.14 -13.47
PA JNT D . -9.90 16.53 -13.95
O1A JNT D . -10.75 15.69 -12.99
O2A JNT D . -10.09 18.00 -14.05
ZN ZN E . 5.94 -16.28 15.42
O5' JNT F . 14.58 -17.42 12.13
C5' JNT F . 15.19 -16.75 11.12
C4' JNT F . 16.52 -16.18 11.63
O4' JNT F . 16.32 -15.03 12.40
C3' JNT F . 17.23 -17.12 12.55
O3' JNT F . 18.64 -17.23 12.14
C2' JNT F . 17.12 -16.47 13.88
O2' JNT F . 18.23 -16.84 14.64
C1' JNT F . 17.25 -15.05 13.50
N9 JNT F . 16.82 -14.08 14.47
C8 JNT F . 15.95 -14.23 15.48
N7 JNT F . 15.82 -13.10 16.08
C5 JNT F . 16.58 -12.19 15.44
C4 JNT F . 17.20 -12.83 14.44
N3 JNT F . 18.11 -12.19 13.65
C2 JNT F . 18.34 -10.81 13.86
N1 JNT F . 17.72 -10.17 14.85
C6 JNT F . 16.89 -10.87 15.66
N6 JNT F . 16.24 -10.20 16.63
O1C JNT F . 5.39 -15.62 11.53
C1A JNT F . 6.49 -15.94 10.96
C2A JNT F . 6.60 -17.29 10.21
O2C JNT F . 5.80 -18.34 10.62
C3A JNT F . 7.83 -17.64 9.39
O3C JNT F . 7.30 -18.31 8.21
C4A JNT F . 8.86 -18.53 10.09
O4C JNT F . 9.23 -17.86 11.45
C5A JNT F . 9.96 -18.70 9.04
O5A JNT F . 11.07 -19.44 9.72
PB JNT F . 12.54 -18.90 9.70
O2B JNT F . 13.49 -20.05 10.04
O1B JNT F . 12.82 -18.30 8.40
O3A JNT F . 12.51 -17.63 10.76
PA JNT F . 12.99 -17.59 12.29
O1A JNT F . 12.33 -16.26 12.63
O2A JNT F . 12.64 -18.78 13.10
C1 GOL G . 3.50 7.69 10.56
O1 GOL G . 4.46 6.78 10.03
C2 GOL G . 2.76 7.11 11.74
O2 GOL G . 2.00 5.96 11.37
C3 GOL G . 1.82 8.09 12.41
O3 GOL G . 1.41 7.62 13.69
#